data_6SY0
#
_entry.id   6SY0
#
_cell.length_a   80.350
_cell.length_b   43.720
_cell.length_c   153.710
_cell.angle_alpha   90.00
_cell.angle_beta   92.17
_cell.angle_gamma   90.00
#
_symmetry.space_group_name_H-M   'P 1 2 1'
#
loop_
_entity.id
_entity.type
_entity.pdbx_description
1 polymer 'Transcription factor with AP2 domain(S)'
2 polymer "DNA (5'-D(*GP*GP*TP*GP*CP*AP*CP*CP*TP*AP*GP*GP*TP*GP*CP*AP*CP*C)-3')"
#
loop_
_entity_poly.entity_id
_entity_poly.type
_entity_poly.pdbx_seq_one_letter_code
_entity_poly.pdbx_strand_id
1 'polypeptide(L)'
;MREHIGSQEPVILIDKIERCLVVEWYENNIRREQRISYKKYGNDKAKLRAKELIEKLKSGITFEQLYPDKGPPIVRVFEN
VGVYNVSLIRDRIEREWRVEWLENGVPMKARWS(CAF)KKVGNDEAQKRADTFAQSMIKGIFN
;
A,B,C
2 'polydeoxyribonucleotide' (DG)(DG)(DT)(DG)(DC)(DA)(DC)(DC)(DT)(DA)(DG)(DG)(DT)(DG)(DC)(DA)(DC)(DC) E,F,G,H,K,L
#
# COMPACT_ATOMS: atom_id res chain seq x y z
N GLU A 3 -9.60 -13.70 -53.18
CA GLU A 3 -10.31 -14.96 -52.98
C GLU A 3 -11.45 -14.80 -51.99
N HIS A 4 -12.67 -15.02 -52.47
CA HIS A 4 -13.87 -14.97 -51.63
C HIS A 4 -14.46 -16.36 -51.52
N ILE A 5 -15.30 -16.56 -50.50
CA ILE A 5 -15.85 -17.87 -50.19
C ILE A 5 -17.33 -17.91 -50.55
N GLY A 6 -17.89 -19.13 -50.51
CA GLY A 6 -19.30 -19.33 -50.74
C GLY A 6 -20.13 -19.34 -49.48
N SER A 7 -19.71 -20.10 -48.46
CA SER A 7 -20.45 -20.23 -47.21
C SER A 7 -19.53 -19.91 -46.04
N GLN A 8 -19.93 -18.92 -45.24
CA GLN A 8 -19.23 -18.57 -44.01
C GLN A 8 -19.65 -19.43 -42.83
N GLU A 9 -20.56 -20.38 -43.04
CA GLU A 9 -21.08 -21.21 -41.98
C GLU A 9 -20.04 -22.24 -41.52
N PRO A 10 -20.05 -22.63 -40.25
CA PRO A 10 -19.16 -23.70 -39.78
C PRO A 10 -19.62 -25.06 -40.26
N VAL A 11 -18.68 -25.84 -40.79
CA VAL A 11 -18.95 -27.15 -41.35
C VAL A 11 -18.08 -28.19 -40.65
N ILE A 12 -18.63 -29.37 -40.44
CA ILE A 12 -17.93 -30.47 -39.77
C ILE A 12 -17.39 -31.41 -40.84
N LEU A 13 -16.08 -31.63 -40.80
CA LEU A 13 -15.39 -32.50 -41.73
C LEU A 13 -14.74 -33.63 -40.95
N ILE A 14 -14.58 -34.80 -41.58
CA ILE A 14 -13.91 -35.94 -40.94
C ILE A 14 -12.61 -36.24 -41.68
N ASP A 15 -11.52 -36.26 -40.91
CA ASP A 15 -10.19 -36.64 -41.39
C ASP A 15 -9.88 -38.01 -40.77
N LYS A 16 -10.13 -39.07 -41.53
CA LYS A 16 -9.89 -40.42 -41.00
C LYS A 16 -8.40 -40.70 -40.83
N ILE A 17 -7.54 -40.05 -41.62
CA ILE A 17 -6.11 -40.30 -41.49
C ILE A 17 -5.61 -39.80 -40.12
N GLU A 18 -5.93 -38.55 -39.78
CA GLU A 18 -5.62 -38.03 -38.46
C GLU A 18 -6.56 -38.55 -37.38
N ARG A 19 -7.66 -39.20 -37.76
CA ARG A 19 -8.65 -39.74 -36.82
C ARG A 19 -9.25 -38.64 -35.94
N CYS A 20 -9.66 -37.55 -36.58
CA CYS A 20 -10.14 -36.40 -35.83
C CYS A 20 -11.17 -35.63 -36.65
N LEU A 21 -12.18 -35.11 -35.95
CA LEU A 21 -13.09 -34.16 -36.56
C LEU A 21 -12.38 -32.84 -36.81
N VAL A 22 -12.96 -32.02 -37.68
CA VAL A 22 -12.45 -30.69 -38.01
C VAL A 22 -13.66 -29.76 -38.13
N VAL A 23 -13.82 -28.87 -37.16
CA VAL A 23 -14.82 -27.81 -37.25
C VAL A 23 -14.19 -26.65 -38.00
N GLU A 24 -14.74 -26.31 -39.16
CA GLU A 24 -14.15 -25.32 -40.05
C GLU A 24 -15.17 -24.22 -40.30
N TRP A 25 -14.79 -22.99 -39.98
CA TRP A 25 -15.64 -21.84 -40.22
C TRP A 25 -14.78 -20.68 -40.69
N TYR A 26 -15.45 -19.60 -41.12
CA TYR A 26 -14.79 -18.44 -41.68
C TYR A 26 -15.22 -17.18 -40.97
N GLU A 27 -14.25 -16.32 -40.66
CA GLU A 27 -14.49 -14.99 -40.11
C GLU A 27 -14.05 -13.99 -41.16
N ASN A 28 -15.00 -13.19 -41.66
CA ASN A 28 -14.78 -12.33 -42.81
C ASN A 28 -14.32 -13.17 -44.00
N ASN A 29 -13.02 -13.12 -44.32
CA ASN A 29 -12.45 -13.95 -45.36
C ASN A 29 -11.37 -14.90 -44.82
N ILE A 30 -11.18 -14.94 -43.50
CA ILE A 30 -10.17 -15.78 -42.87
C ILE A 30 -10.76 -17.14 -42.59
N ARG A 31 -9.95 -18.19 -42.73
CA ARG A 31 -10.35 -19.55 -42.39
C ARG A 31 -9.93 -19.87 -40.97
N ARG A 32 -10.86 -20.40 -40.18
CA ARG A 32 -10.59 -20.81 -38.81
C ARG A 32 -11.02 -22.26 -38.64
N GLU A 33 -10.06 -23.14 -38.33
CA GLU A 33 -10.34 -24.55 -38.13
C GLU A 33 -9.91 -24.97 -36.72
N GLN A 34 -10.66 -25.90 -36.15
CA GLN A 34 -10.36 -26.45 -34.83
C GLN A 34 -10.55 -27.95 -34.89
N ARG A 35 -9.49 -28.69 -34.54
CA ARG A 35 -9.53 -30.15 -34.59
C ARG A 35 -10.04 -30.72 -33.28
N ILE A 36 -10.83 -31.78 -33.37
CA ILE A 36 -11.25 -32.57 -32.22
C ILE A 36 -10.96 -34.03 -32.55
N SER A 37 -10.05 -34.64 -31.81
CA SER A 37 -9.67 -36.03 -32.04
C SER A 37 -10.68 -36.96 -31.40
N TYR A 38 -11.37 -37.75 -32.21
CA TYR A 38 -12.17 -38.83 -31.65
C TYR A 38 -11.33 -40.06 -31.32
N LYS A 39 -10.03 -40.03 -31.64
CA LYS A 39 -9.10 -41.02 -31.10
C LYS A 39 -9.02 -40.91 -29.58
N LYS A 40 -9.04 -39.68 -29.06
CA LYS A 40 -9.09 -39.48 -27.61
C LYS A 40 -10.52 -39.49 -27.09
N TYR A 41 -11.33 -38.52 -27.52
CA TYR A 41 -12.64 -38.32 -26.91
C TYR A 41 -13.63 -39.43 -27.29
N GLY A 42 -13.37 -40.18 -28.34
CA GLY A 42 -14.33 -41.14 -28.84
C GLY A 42 -15.34 -40.47 -29.77
N ASN A 43 -16.06 -41.31 -30.52
CA ASN A 43 -16.92 -40.79 -31.58
C ASN A 43 -18.02 -39.89 -31.03
N ASP A 44 -18.75 -40.37 -30.01
CA ASP A 44 -19.91 -39.62 -29.53
C ASP A 44 -19.49 -38.37 -28.78
N LYS A 45 -18.45 -38.45 -27.95
CA LYS A 45 -18.02 -37.29 -27.18
C LYS A 45 -17.42 -36.23 -28.10
N ALA A 46 -16.70 -36.65 -29.14
CA ALA A 46 -16.15 -35.71 -30.10
C ALA A 46 -17.26 -34.95 -30.80
N LYS A 47 -18.31 -35.67 -31.24
CA LYS A 47 -19.43 -35.02 -31.91
C LYS A 47 -20.16 -34.07 -30.97
N LEU A 48 -20.21 -34.39 -29.68
CA LEU A 48 -20.90 -33.51 -28.73
C LEU A 48 -20.08 -32.25 -28.47
N ARG A 49 -18.75 -32.38 -28.38
CA ARG A 49 -17.92 -31.20 -28.23
C ARG A 49 -17.97 -30.32 -29.47
N ALA A 50 -18.10 -30.93 -30.65
CA ALA A 50 -18.24 -30.15 -31.88
C ALA A 50 -19.57 -29.40 -31.88
N LYS A 51 -20.64 -30.06 -31.45
CA LYS A 51 -21.93 -29.37 -31.36
C LYS A 51 -21.84 -28.16 -30.44
N GLU A 52 -21.17 -28.32 -29.29
CA GLU A 52 -21.02 -27.21 -28.36
C GLU A 52 -20.26 -26.05 -29.00
N LEU A 53 -19.15 -26.36 -29.68
CA LEU A 53 -18.38 -25.32 -30.34
C LEU A 53 -19.19 -24.61 -31.42
N ILE A 54 -19.97 -25.37 -32.19
CA ILE A 54 -20.75 -24.77 -33.27
C ILE A 54 -21.81 -23.84 -32.70
N GLU A 55 -22.48 -24.27 -31.62
CA GLU A 55 -23.49 -23.40 -31.00
C GLU A 55 -22.87 -22.11 -30.48
N LYS A 56 -21.66 -22.20 -29.93
CA LYS A 56 -20.97 -20.99 -29.46
C LYS A 56 -20.65 -20.05 -30.63
N LEU A 57 -20.19 -20.61 -31.75
CA LEU A 57 -19.89 -19.80 -32.92
C LEU A 57 -21.13 -19.12 -33.46
N LYS A 58 -22.28 -19.79 -33.40
CA LYS A 58 -23.53 -19.19 -33.86
C LYS A 58 -23.89 -17.97 -33.01
N SER A 59 -23.53 -18.00 -31.73
CA SER A 59 -23.82 -16.87 -30.84
C SER A 59 -23.06 -15.61 -31.25
N GLY A 60 -21.97 -15.75 -32.01
CA GLY A 60 -21.16 -14.63 -32.41
C GLY A 60 -19.77 -14.57 -31.79
N ILE A 61 -19.34 -15.63 -31.10
CA ILE A 61 -18.01 -15.67 -30.52
C ILE A 61 -16.96 -15.69 -31.62
N THR A 62 -15.88 -14.93 -31.43
CA THR A 62 -14.78 -14.90 -32.38
C THR A 62 -13.81 -16.05 -32.11
N PHE A 63 -12.86 -16.24 -33.03
CA PHE A 63 -11.87 -17.31 -32.87
C PHE A 63 -10.99 -17.05 -31.66
N GLU A 64 -10.45 -15.84 -31.54
CA GLU A 64 -9.54 -15.54 -30.45
C GLU A 64 -10.23 -15.59 -29.08
N GLN A 65 -11.51 -15.19 -29.02
CA GLN A 65 -12.23 -15.28 -27.76
C GLN A 65 -12.35 -16.70 -27.27
N LEU A 66 -12.22 -17.68 -28.17
CA LEU A 66 -12.22 -19.08 -27.76
C LEU A 66 -10.84 -19.50 -27.27
N TYR A 67 -9.79 -19.25 -28.06
CA TYR A 67 -8.44 -19.70 -27.77
C TYR A 67 -7.53 -18.48 -27.77
N PRO A 68 -7.49 -17.74 -26.65
CA PRO A 68 -6.57 -16.59 -26.57
C PRO A 68 -5.11 -16.99 -26.67
N ASP A 69 -4.79 -18.27 -26.46
CA ASP A 69 -3.43 -18.76 -26.66
C ASP A 69 -2.89 -18.39 -28.03
N LYS A 70 -3.71 -18.57 -29.07
CA LYS A 70 -3.35 -18.18 -30.42
C LYS A 70 -3.75 -16.72 -30.65
N GLY A 71 -2.82 -15.93 -31.17
CA GLY A 71 -3.05 -14.52 -31.40
C GLY A 71 -2.09 -13.64 -30.63
N PRO A 72 -2.37 -12.34 -30.61
CA PRO A 72 -1.47 -11.40 -29.93
C PRO A 72 -1.65 -11.46 -28.42
N PRO A 73 -0.63 -11.07 -27.65
CA PRO A 73 -0.79 -11.04 -26.19
C PRO A 73 -1.71 -9.93 -25.72
N ILE A 74 -1.59 -8.73 -26.29
CA ILE A 74 -2.42 -7.59 -25.93
C ILE A 74 -3.45 -7.41 -27.04
N VAL A 75 -4.72 -7.32 -26.65
CA VAL A 75 -5.83 -7.25 -27.60
C VAL A 75 -6.75 -6.12 -27.20
N ARG A 76 -7.09 -5.27 -28.16
CA ARG A 76 -7.99 -4.14 -27.93
C ARG A 76 -9.38 -4.52 -28.43
N VAL A 77 -10.32 -4.71 -27.50
CA VAL A 77 -11.68 -5.05 -27.89
C VAL A 77 -12.31 -3.90 -28.65
N PHE A 78 -12.28 -2.70 -28.07
CA PHE A 78 -12.73 -1.49 -28.74
C PHE A 78 -11.98 -0.30 -28.15
N GLU A 79 -11.90 0.78 -28.94
CA GLU A 79 -11.11 1.94 -28.55
C GLU A 79 -11.76 3.22 -29.03
N ASN A 80 -11.45 4.32 -28.34
CA ASN A 80 -11.85 5.67 -28.75
C ASN A 80 -13.36 5.78 -28.95
N VAL A 81 -14.11 5.32 -27.95
CA VAL A 81 -15.57 5.30 -28.08
C VAL A 81 -16.14 6.66 -27.75
N GLY A 82 -16.37 7.47 -28.78
CA GLY A 82 -17.02 8.77 -28.62
C GLY A 82 -16.23 9.68 -27.70
N VAL A 83 -16.96 10.33 -26.79
CA VAL A 83 -16.31 11.11 -25.74
C VAL A 83 -15.71 10.15 -24.72
N TYR A 84 -14.76 10.67 -23.93
CA TYR A 84 -13.98 9.91 -22.96
C TYR A 84 -13.05 8.93 -23.65
N ASN A 85 -13.25 8.69 -24.95
CA ASN A 85 -12.40 7.79 -25.75
C ASN A 85 -12.17 6.47 -25.03
N VAL A 86 -13.26 5.86 -24.55
CA VAL A 86 -13.18 4.65 -23.74
C VAL A 86 -12.58 3.50 -24.55
N SER A 87 -11.74 2.71 -23.90
CA SER A 87 -11.12 1.55 -24.52
C SER A 87 -11.10 0.39 -23.54
N LEU A 88 -11.25 -0.83 -24.04
CA LEU A 88 -11.20 -2.04 -23.24
C LEU A 88 -10.13 -2.96 -23.79
N ILE A 89 -9.18 -3.35 -22.95
CA ILE A 89 -7.99 -4.08 -23.37
C ILE A 89 -7.88 -5.35 -22.56
N ARG A 90 -7.47 -6.42 -23.22
CA ARG A 90 -7.19 -7.71 -22.58
C ARG A 90 -5.69 -7.98 -22.69
N ASP A 91 -5.04 -8.16 -21.55
CA ASP A 91 -3.60 -8.36 -21.48
C ASP A 91 -3.34 -9.76 -20.92
N ARG A 92 -2.86 -10.65 -21.78
CA ARG A 92 -2.70 -12.05 -21.41
C ARG A 92 -1.46 -12.30 -20.56
N ILE A 93 -0.33 -11.64 -20.89
CA ILE A 93 0.90 -11.91 -20.16
C ILE A 93 0.79 -11.44 -18.72
N GLU A 94 0.23 -10.25 -18.49
CA GLU A 94 -0.02 -9.77 -17.14
C GLU A 94 -1.36 -10.24 -16.57
N ARG A 95 -2.18 -10.92 -17.38
CA ARG A 95 -3.41 -11.57 -16.92
C ARG A 95 -4.36 -10.60 -16.23
N GLU A 96 -4.71 -9.53 -16.94
CA GLU A 96 -5.60 -8.51 -16.38
C GLU A 96 -6.41 -7.87 -17.49
N TRP A 97 -7.59 -7.38 -17.12
CA TRP A 97 -8.44 -6.59 -18.00
C TRP A 97 -8.28 -5.11 -17.62
N ARG A 98 -8.04 -4.28 -18.63
CA ARG A 98 -7.79 -2.86 -18.40
C ARG A 98 -8.79 -2.01 -19.19
N VAL A 99 -9.19 -0.90 -18.59
CA VAL A 99 -10.01 0.11 -19.23
C VAL A 99 -9.25 1.43 -19.23
N GLU A 100 -9.25 2.12 -20.37
CA GLU A 100 -8.63 3.42 -20.52
C GLU A 100 -9.67 4.45 -20.97
N TRP A 101 -9.50 5.69 -20.52
CA TRP A 101 -10.41 6.75 -20.91
C TRP A 101 -9.72 8.10 -20.73
N LEU A 102 -10.32 9.13 -21.31
CA LEU A 102 -9.84 10.51 -21.20
C LEU A 102 -10.90 11.34 -20.49
N GLU A 103 -10.58 11.83 -19.31
CA GLU A 103 -11.45 12.72 -18.56
C GLU A 103 -10.75 14.06 -18.42
N ASN A 104 -11.34 15.10 -19.00
CA ASN A 104 -10.79 16.47 -18.96
C ASN A 104 -9.38 16.52 -19.54
N GLY A 105 -9.19 15.82 -20.66
CA GLY A 105 -7.89 15.80 -21.31
C GLY A 105 -6.81 15.07 -20.57
N VAL A 106 -7.14 14.39 -19.48
CA VAL A 106 -6.18 13.66 -18.65
C VAL A 106 -6.35 12.17 -18.90
N PRO A 107 -5.34 11.48 -19.44
CA PRO A 107 -5.44 10.02 -19.56
C PRO A 107 -5.64 9.36 -18.20
N MET A 108 -6.62 8.47 -18.14
CA MET A 108 -6.92 7.71 -16.94
C MET A 108 -7.15 6.26 -17.32
N LYS A 109 -6.96 5.36 -16.36
CA LYS A 109 -7.06 3.93 -16.64
C LYS A 109 -7.30 3.17 -15.34
N ALA A 110 -7.94 2.01 -15.47
CA ALA A 110 -8.19 1.11 -14.34
C ALA A 110 -7.78 -0.30 -14.74
N ARG A 111 -7.71 -1.19 -13.76
CA ARG A 111 -7.27 -2.56 -14.01
C ARG A 111 -7.98 -3.53 -13.09
N TRP A 112 -8.34 -4.70 -13.64
CA TRP A 112 -8.88 -5.84 -12.90
C TRP A 112 -8.04 -7.06 -13.21
N SER A 113 -7.60 -7.77 -12.18
CA SER A 113 -6.80 -8.97 -12.40
C SER A 113 -7.70 -10.18 -12.54
N LYS A 115 -6.48 -13.08 -11.96
CA LYS A 115 -5.82 -14.03 -11.09
C LYS A 115 -6.48 -14.08 -9.72
N LYS A 116 -7.03 -12.95 -9.28
CA LYS A 116 -7.67 -12.92 -7.97
C LYS A 116 -9.10 -13.45 -8.03
N VAL A 117 -9.89 -12.96 -8.99
CA VAL A 117 -11.32 -13.27 -9.04
C VAL A 117 -11.70 -14.21 -10.17
N GLY A 118 -10.81 -14.51 -11.09
CA GLY A 118 -11.13 -15.40 -12.19
C GLY A 118 -11.38 -14.63 -13.47
N ASN A 119 -11.22 -15.33 -14.61
CA ASN A 119 -11.33 -14.68 -15.91
C ASN A 119 -12.75 -14.17 -16.16
N ASP A 120 -13.77 -14.93 -15.74
CA ASP A 120 -15.14 -14.54 -16.04
C ASP A 120 -15.56 -13.32 -15.22
N GLU A 121 -15.21 -13.30 -13.93
CA GLU A 121 -15.62 -12.17 -13.09
C GLU A 121 -14.84 -10.92 -13.43
N ALA A 122 -13.58 -11.07 -13.83
CA ALA A 122 -12.76 -9.91 -14.16
C ALA A 122 -13.25 -9.22 -15.43
N GLN A 123 -13.53 -10.01 -16.47
CA GLN A 123 -14.12 -9.48 -17.70
C GLN A 123 -15.47 -8.83 -17.42
N LYS A 124 -16.24 -9.43 -16.51
CA LYS A 124 -17.55 -8.89 -16.18
C LYS A 124 -17.44 -7.48 -15.62
N ARG A 125 -16.56 -7.29 -14.63
CA ARG A 125 -16.46 -5.99 -13.96
C ARG A 125 -15.85 -4.93 -14.86
N ALA A 126 -14.94 -5.32 -15.75
CA ALA A 126 -14.33 -4.36 -16.66
C ALA A 126 -15.35 -3.86 -17.69
N ASP A 127 -16.09 -4.80 -18.31
CA ASP A 127 -17.10 -4.40 -19.28
C ASP A 127 -18.21 -3.59 -18.62
N THR A 128 -18.60 -3.97 -17.41
CA THR A 128 -19.61 -3.22 -16.67
C THR A 128 -19.15 -1.79 -16.45
N PHE A 129 -17.90 -1.62 -16.04
CA PHE A 129 -17.36 -0.28 -15.85
C PHE A 129 -17.30 0.49 -17.17
N ALA A 130 -16.79 -0.17 -18.22
CA ALA A 130 -16.59 0.49 -19.50
C ALA A 130 -17.91 1.01 -20.06
N GLN A 131 -18.87 0.10 -20.25
CA GLN A 131 -20.19 0.51 -20.73
C GLN A 131 -20.80 1.59 -19.85
N SER A 132 -20.56 1.51 -18.54
CA SER A 132 -21.14 2.49 -17.61
C SER A 132 -20.62 3.89 -17.90
N MET A 133 -19.31 4.03 -18.09
CA MET A 133 -18.73 5.32 -18.48
C MET A 133 -19.35 5.82 -19.78
N ILE A 134 -19.52 4.92 -20.76
CA ILE A 134 -19.98 5.30 -22.08
C ILE A 134 -21.35 5.97 -22.01
N LYS A 135 -22.25 5.43 -21.18
CA LYS A 135 -23.59 5.99 -21.02
C LYS A 135 -23.60 7.27 -20.20
N GLY A 136 -22.48 7.66 -19.60
CA GLY A 136 -22.42 8.91 -18.84
C GLY A 136 -23.03 8.80 -17.46
N ILE A 137 -22.59 7.82 -16.68
CA ILE A 137 -23.08 7.71 -15.31
C ILE A 137 -22.29 8.62 -14.38
N PHE A 138 -21.05 8.91 -14.71
CA PHE A 138 -20.14 9.69 -13.87
C PHE A 138 -19.85 11.03 -14.54
N ASN A 139 -20.20 12.11 -13.87
CA ASN A 139 -20.05 13.45 -14.42
C ASN A 139 -18.80 14.12 -13.87
N GLN B 8 21.26 17.42 14.66
CA GLN B 8 20.34 16.94 13.64
C GLN B 8 19.89 18.08 12.72
N GLU B 9 20.30 19.29 13.07
CA GLU B 9 20.00 20.48 12.27
C GLU B 9 21.04 20.63 11.16
N PRO B 10 20.72 21.36 10.09
CA PRO B 10 21.66 21.49 8.97
C PRO B 10 22.90 22.27 9.36
N VAL B 11 24.07 21.82 8.85
CA VAL B 11 25.37 22.34 9.26
C VAL B 11 26.25 22.57 8.03
N ILE B 12 27.14 23.57 8.14
CA ILE B 12 28.09 23.91 7.08
C ILE B 12 29.43 23.30 7.42
N LEU B 13 30.00 22.55 6.48
CA LEU B 13 31.28 21.88 6.64
C LEU B 13 32.27 22.39 5.60
N ILE B 14 33.55 22.29 5.93
CA ILE B 14 34.63 22.75 5.07
C ILE B 14 35.44 21.55 4.60
N ASP B 15 35.68 21.47 3.29
CA ASP B 15 36.54 20.46 2.67
C ASP B 15 37.61 21.23 1.93
N LYS B 16 38.74 21.48 2.60
CA LYS B 16 39.81 22.25 1.99
C LYS B 16 40.50 21.50 0.86
N ILE B 17 40.44 20.17 0.86
CA ILE B 17 41.05 19.39 -0.23
C ILE B 17 40.23 19.55 -1.50
N GLU B 18 38.92 19.38 -1.41
CA GLU B 18 38.04 19.62 -2.55
C GLU B 18 37.78 21.09 -2.80
N ARG B 19 38.24 21.97 -1.91
CA ARG B 19 38.03 23.41 -2.02
C ARG B 19 36.55 23.75 -2.19
N CYS B 20 35.73 23.19 -1.32
CA CYS B 20 34.29 23.43 -1.39
C CYS B 20 33.67 23.29 -0.02
N LEU B 21 32.60 24.05 0.21
CA LEU B 21 31.75 23.83 1.35
C LEU B 21 30.88 22.59 1.13
N VAL B 22 30.33 22.07 2.22
CA VAL B 22 29.43 20.94 2.18
C VAL B 22 28.34 21.21 3.22
N VAL B 23 27.11 21.41 2.77
CA VAL B 23 25.97 21.59 3.66
C VAL B 23 25.42 20.19 3.96
N GLU B 24 25.59 19.73 5.19
CA GLU B 24 25.19 18.40 5.60
C GLU B 24 24.02 18.49 6.57
N TRP B 25 22.96 17.73 6.29
CA TRP B 25 21.78 17.71 7.15
C TRP B 25 21.21 16.30 7.16
N TYR B 26 20.25 16.08 8.06
CA TYR B 26 19.69 14.76 8.30
C TYR B 26 18.17 14.81 8.13
N GLU B 27 17.65 13.92 7.29
CA GLU B 27 16.21 13.72 7.13
C GLU B 27 15.89 12.28 7.52
N ASN B 28 14.91 12.12 8.42
CA ASN B 28 14.71 10.87 9.14
C ASN B 28 16.01 10.51 9.86
N ASN B 29 16.68 9.45 9.43
CA ASN B 29 18.00 9.13 9.93
C ASN B 29 19.06 9.10 8.83
N ILE B 30 18.71 9.55 7.62
CA ILE B 30 19.63 9.55 6.49
C ILE B 30 20.34 10.90 6.42
N ARG B 31 21.64 10.88 6.15
CA ARG B 31 22.41 12.10 5.96
C ARG B 31 22.51 12.41 4.48
N ARG B 32 22.46 13.69 4.15
CA ARG B 32 22.59 14.12 2.76
C ARG B 32 23.37 15.43 2.70
N GLU B 33 24.30 15.50 1.76
CA GLU B 33 25.23 16.61 1.64
C GLU B 33 25.08 17.27 0.27
N GLN B 34 25.35 18.57 0.23
CA GLN B 34 25.35 19.33 -1.01
C GLN B 34 26.59 20.22 -1.04
N ARG B 35 27.45 19.99 -2.02
CA ARG B 35 28.74 20.68 -2.11
C ARG B 35 28.57 22.01 -2.82
N ILE B 36 29.35 23.01 -2.38
CA ILE B 36 29.38 24.33 -3.01
C ILE B 36 30.84 24.70 -3.14
N SER B 37 31.35 24.68 -4.37
CA SER B 37 32.77 24.94 -4.62
C SER B 37 33.04 26.44 -4.48
N TYR B 38 33.85 26.82 -3.48
CA TYR B 38 34.35 28.18 -3.45
C TYR B 38 35.56 28.38 -4.35
N LYS B 39 36.06 27.31 -4.97
CA LYS B 39 36.98 27.47 -6.10
C LYS B 39 36.29 28.18 -7.26
N LYS B 40 35.02 27.85 -7.51
CA LYS B 40 34.22 28.53 -8.52
C LYS B 40 33.52 29.75 -7.96
N TYR B 41 32.62 29.53 -7.00
CA TYR B 41 31.75 30.61 -6.54
C TYR B 41 32.49 31.63 -5.68
N GLY B 42 33.61 31.26 -5.09
CA GLY B 42 34.33 32.14 -4.20
C GLY B 42 33.75 32.11 -2.79
N ASN B 43 34.59 32.53 -1.83
CA ASN B 43 34.24 32.39 -0.42
C ASN B 43 32.93 33.10 -0.09
N ASP B 44 32.80 34.36 -0.52
CA ASP B 44 31.63 35.15 -0.12
C ASP B 44 30.35 34.60 -0.75
N LYS B 45 30.36 34.34 -2.06
CA LYS B 45 29.17 33.83 -2.73
C LYS B 45 28.79 32.46 -2.17
N ALA B 46 29.77 31.56 -2.06
CA ALA B 46 29.51 30.21 -1.57
C ALA B 46 28.84 30.24 -0.20
N LYS B 47 29.37 31.05 0.71
CA LYS B 47 28.78 31.15 2.04
C LYS B 47 27.36 31.70 1.96
N LEU B 48 27.12 32.62 1.02
CA LEU B 48 25.77 33.17 0.86
C LEU B 48 24.81 32.13 0.30
N ARG B 49 25.20 31.43 -0.76
CA ARG B 49 24.33 30.43 -1.35
C ARG B 49 24.06 29.30 -0.35
N ALA B 50 25.06 28.94 0.45
CA ALA B 50 24.84 27.95 1.50
C ALA B 50 23.84 28.45 2.53
N LYS B 51 23.88 29.76 2.82
CA LYS B 51 22.86 30.37 3.67
C LYS B 51 21.50 30.26 3.04
N GLU B 52 21.41 30.52 1.73
CA GLU B 52 20.14 30.41 1.02
C GLU B 52 19.57 29.00 1.14
N LEU B 53 20.42 27.98 0.93
CA LEU B 53 19.96 26.60 1.10
C LEU B 53 19.55 26.33 2.54
N ILE B 54 20.29 26.90 3.51
CA ILE B 54 19.90 26.78 4.91
C ILE B 54 18.51 27.38 5.12
N GLU B 55 18.26 28.54 4.52
CA GLU B 55 16.94 29.18 4.63
C GLU B 55 15.86 28.29 4.04
N LYS B 56 16.12 27.69 2.87
CA LYS B 56 15.13 26.82 2.23
C LYS B 56 14.84 25.60 3.09
N LEU B 57 15.88 25.02 3.71
CA LEU B 57 15.68 23.88 4.60
C LEU B 57 14.93 24.29 5.87
N LYS B 58 15.10 25.54 6.31
CA LYS B 58 14.31 26.03 7.42
C LYS B 58 12.83 26.14 7.07
N SER B 59 12.53 26.43 5.79
CA SER B 59 11.15 26.53 5.35
C SER B 59 10.43 25.19 5.37
N GLY B 60 11.17 24.09 5.35
CA GLY B 60 10.57 22.75 5.31
C GLY B 60 10.75 22.04 3.99
N ILE B 61 11.43 22.65 3.02
CA ILE B 61 11.66 22.01 1.73
C ILE B 61 12.50 20.75 1.92
N THR B 62 12.15 19.69 1.20
CA THR B 62 12.83 18.42 1.32
C THR B 62 13.97 18.31 0.30
N PHE B 63 14.66 17.17 0.33
CA PHE B 63 15.76 16.92 -0.60
C PHE B 63 15.26 16.85 -2.04
N GLU B 64 14.19 16.07 -2.28
CA GLU B 64 13.81 15.70 -3.63
C GLU B 64 13.32 16.90 -4.44
N GLN B 65 12.48 17.75 -3.84
CA GLN B 65 12.00 18.92 -4.56
C GLN B 65 13.13 19.88 -4.90
N LEU B 66 14.23 19.86 -4.14
CA LEU B 66 15.40 20.66 -4.48
C LEU B 66 16.21 19.99 -5.59
N TYR B 67 16.54 18.71 -5.42
CA TYR B 67 17.33 17.95 -6.39
C TYR B 67 16.53 16.73 -6.83
N PRO B 68 15.51 16.91 -7.66
CA PRO B 68 14.78 15.74 -8.16
C PRO B 68 15.61 14.91 -9.12
N ASP B 69 16.54 15.55 -9.83
CA ASP B 69 17.50 14.83 -10.67
C ASP B 69 18.23 13.77 -9.86
N LYS B 70 18.57 14.07 -8.62
CA LYS B 70 19.24 13.11 -7.74
C LYS B 70 18.22 12.23 -7.03
N GLY B 71 18.52 10.95 -6.94
CA GLY B 71 17.70 10.02 -6.20
C GLY B 71 17.07 8.95 -7.08
N PRO B 72 15.99 8.36 -6.60
CA PRO B 72 15.31 7.30 -7.36
C PRO B 72 14.62 7.86 -8.58
N PRO B 73 14.36 7.03 -9.60
CA PRO B 73 13.62 7.54 -10.77
C PRO B 73 12.16 7.82 -10.47
N ILE B 74 11.51 6.95 -9.69
CA ILE B 74 10.12 7.12 -9.30
C ILE B 74 10.07 7.50 -7.83
N VAL B 75 9.42 8.60 -7.52
CA VAL B 75 9.33 9.12 -6.15
C VAL B 75 7.86 9.25 -5.79
N ARG B 76 7.49 8.74 -4.61
CA ARG B 76 6.13 8.80 -4.11
C ARG B 76 6.03 9.92 -3.08
N VAL B 77 5.37 11.02 -3.46
CA VAL B 77 5.20 12.15 -2.54
C VAL B 77 4.40 11.71 -1.31
N PHE B 78 3.21 11.15 -1.53
CA PHE B 78 2.47 10.52 -0.45
C PHE B 78 1.71 9.33 -1.02
N GLU B 79 1.26 8.45 -0.13
CA GLU B 79 0.64 7.20 -0.56
C GLU B 79 -0.36 6.71 0.47
N ASN B 80 -1.32 5.92 -0.01
CA ASN B 80 -2.29 5.22 0.85
C ASN B 80 -3.01 6.18 1.79
N VAL B 81 -3.42 7.33 1.25
CA VAL B 81 -4.04 8.38 2.06
C VAL B 81 -5.43 7.95 2.51
N GLY B 82 -5.51 7.27 3.65
CA GLY B 82 -6.79 6.94 4.25
C GLY B 82 -7.64 6.08 3.33
N VAL B 83 -8.84 6.58 3.00
CA VAL B 83 -9.70 5.95 2.01
C VAL B 83 -9.24 6.38 0.63
N TYR B 84 -9.55 5.54 -0.38
CA TYR B 84 -9.15 5.73 -1.77
C TYR B 84 -7.67 5.46 -1.96
N ASN B 85 -6.90 5.42 -0.87
CA ASN B 85 -5.46 5.18 -0.90
C ASN B 85 -4.76 6.03 -1.96
N VAL B 86 -5.11 7.32 -1.98
CA VAL B 86 -4.58 8.22 -2.99
C VAL B 86 -3.06 8.30 -2.88
N SER B 87 -2.39 8.41 -4.03
CA SER B 87 -0.95 8.51 -4.08
C SER B 87 -0.55 9.43 -5.22
N LEU B 88 0.50 10.23 -4.99
CA LEU B 88 1.04 11.12 -6.00
C LEU B 88 2.48 10.74 -6.27
N ILE B 89 2.82 10.56 -7.55
CA ILE B 89 4.09 9.98 -7.98
C ILE B 89 4.73 10.90 -9.01
N ARG B 90 6.04 11.08 -8.89
CA ARG B 90 6.85 11.75 -9.90
C ARG B 90 7.71 10.70 -10.59
N ASP B 91 7.61 10.64 -11.92
CA ASP B 91 8.22 9.58 -12.72
C ASP B 91 9.18 10.23 -13.71
N ARG B 92 10.49 10.03 -13.52
CA ARG B 92 11.46 10.59 -14.44
C ARG B 92 11.64 9.74 -15.69
N ILE B 93 11.41 8.43 -15.59
CA ILE B 93 11.58 7.56 -16.75
C ILE B 93 10.64 7.96 -17.87
N GLU B 94 9.33 8.03 -17.57
CA GLU B 94 8.35 8.47 -18.54
C GLU B 94 8.10 9.97 -18.50
N ARG B 95 8.78 10.70 -17.61
CA ARG B 95 8.68 12.15 -17.51
C ARG B 95 7.22 12.58 -17.37
N GLU B 96 6.57 12.10 -16.31
CA GLU B 96 5.16 12.39 -16.10
C GLU B 96 4.84 12.37 -14.61
N TRP B 97 3.77 13.08 -14.27
CA TRP B 97 3.21 13.08 -12.92
C TRP B 97 1.96 12.19 -12.90
N ARG B 98 1.91 11.26 -11.96
CA ARG B 98 0.83 10.30 -11.89
C ARG B 98 0.14 10.36 -10.53
N VAL B 99 -1.14 10.01 -10.53
CA VAL B 99 -1.93 9.86 -9.32
C VAL B 99 -2.53 8.46 -9.33
N GLU B 100 -2.45 7.76 -8.20
CA GLU B 100 -2.98 6.42 -8.07
C GLU B 100 -4.01 6.41 -6.95
N TRP B 101 -5.09 5.64 -7.13
CA TRP B 101 -6.10 5.51 -6.10
C TRP B 101 -6.93 4.26 -6.35
N LEU B 102 -7.74 3.90 -5.35
CA LEU B 102 -8.62 2.74 -5.41
C LEU B 102 -10.06 3.23 -5.34
N GLU B 103 -10.82 3.01 -6.41
CA GLU B 103 -12.25 3.30 -6.44
C GLU B 103 -12.98 1.95 -6.49
N ASN B 104 -13.69 1.63 -5.41
CA ASN B 104 -14.40 0.36 -5.28
C ASN B 104 -13.44 -0.82 -5.44
N GLY B 105 -12.29 -0.74 -4.79
CA GLY B 105 -11.32 -1.81 -4.85
C GLY B 105 -10.63 -1.97 -6.19
N VAL B 106 -10.76 -0.99 -7.08
CA VAL B 106 -10.22 -1.07 -8.43
C VAL B 106 -9.03 -0.11 -8.52
N PRO B 107 -7.86 -0.57 -8.94
CA PRO B 107 -6.72 0.35 -9.12
C PRO B 107 -6.95 1.28 -10.30
N MET B 108 -6.72 2.57 -10.07
CA MET B 108 -6.89 3.57 -11.11
C MET B 108 -5.70 4.53 -11.08
N LYS B 109 -5.47 5.22 -12.19
CA LYS B 109 -4.34 6.13 -12.27
C LYS B 109 -4.56 7.15 -13.37
N ALA B 110 -4.00 8.35 -13.16
CA ALA B 110 -4.01 9.41 -14.16
C ALA B 110 -2.58 9.92 -14.34
N ARG B 111 -2.31 10.57 -15.47
CA ARG B 111 -0.96 11.04 -15.73
C ARG B 111 -0.97 12.36 -16.50
N TRP B 112 0.02 13.21 -16.20
CA TRP B 112 0.28 14.43 -16.93
C TRP B 112 1.73 14.43 -17.39
N SER B 113 1.96 14.78 -18.65
CA SER B 113 3.34 14.85 -19.16
C SER B 113 3.98 16.17 -18.78
N LYS B 115 6.81 17.10 -20.65
CA LYS B 115 7.25 17.50 -21.98
C LYS B 115 6.26 18.48 -22.60
N LYS B 116 5.00 18.35 -22.19
CA LYS B 116 3.95 19.23 -22.71
C LYS B 116 3.96 20.57 -21.98
N VAL B 117 3.71 20.56 -20.67
CA VAL B 117 3.48 21.78 -19.92
C VAL B 117 4.60 22.14 -18.97
N GLY B 118 5.47 21.20 -18.62
CA GLY B 118 6.56 21.49 -17.71
C GLY B 118 6.33 20.88 -16.33
N ASN B 119 7.43 20.79 -15.57
CA ASN B 119 7.38 20.22 -14.23
C ASN B 119 6.38 20.94 -13.33
N ASP B 120 6.36 22.27 -13.40
CA ASP B 120 5.56 23.05 -12.45
C ASP B 120 4.07 22.87 -12.71
N GLU B 121 3.64 23.04 -13.96
CA GLU B 121 2.21 22.92 -14.27
C GLU B 121 1.73 21.49 -14.10
N ALA B 122 2.58 20.51 -14.43
CA ALA B 122 2.18 19.12 -14.28
C ALA B 122 1.99 18.75 -12.82
N GLN B 123 2.86 19.29 -11.94
CA GLN B 123 2.69 19.06 -10.50
C GLN B 123 1.45 19.78 -9.97
N LYS B 124 1.20 20.99 -10.47
CA LYS B 124 0.03 21.76 -10.03
C LYS B 124 -1.25 21.01 -10.36
N ARG B 125 -1.37 20.53 -11.60
CA ARG B 125 -2.59 19.86 -12.04
C ARG B 125 -2.77 18.52 -11.33
N ALA B 126 -1.68 17.78 -11.13
CA ALA B 126 -1.77 16.50 -10.44
C ALA B 126 -2.10 16.69 -8.96
N ASP B 127 -1.53 17.73 -8.33
CA ASP B 127 -1.83 17.99 -6.93
C ASP B 127 -3.28 18.47 -6.76
N THR B 128 -3.71 19.41 -7.60
CA THR B 128 -5.10 19.86 -7.55
C THR B 128 -6.06 18.70 -7.75
N PHE B 129 -5.75 17.80 -8.69
CA PHE B 129 -6.60 16.64 -8.92
C PHE B 129 -6.62 15.72 -7.70
N ALA B 130 -5.45 15.47 -7.11
CA ALA B 130 -5.36 14.49 -6.03
C ALA B 130 -6.02 14.99 -4.75
N GLN B 131 -5.73 16.24 -4.36
CA GLN B 131 -6.32 16.76 -3.13
C GLN B 131 -7.81 16.98 -3.28
N SER B 132 -8.25 17.40 -4.47
CA SER B 132 -9.69 17.51 -4.71
C SER B 132 -10.36 16.14 -4.69
N MET B 133 -9.62 15.08 -5.01
CA MET B 133 -10.15 13.73 -4.84
C MET B 133 -10.35 13.42 -3.36
N ILE B 134 -9.40 13.83 -2.51
CA ILE B 134 -9.52 13.59 -1.08
C ILE B 134 -10.70 14.34 -0.49
N LYS B 135 -11.02 15.52 -1.05
CA LYS B 135 -12.20 16.26 -0.62
C LYS B 135 -13.50 15.55 -0.94
N GLY B 136 -13.48 14.66 -1.94
CA GLY B 136 -14.67 13.91 -2.32
C GLY B 136 -15.55 14.63 -3.30
N ILE B 137 -15.08 14.77 -4.55
CA ILE B 137 -15.89 15.43 -5.58
C ILE B 137 -15.55 14.96 -6.98
N PHE B 138 -14.93 13.79 -7.14
CA PHE B 138 -14.44 13.33 -8.43
C PHE B 138 -14.89 11.90 -8.69
N ASN B 139 -15.03 11.57 -9.97
CA ASN B 139 -15.47 10.23 -10.36
C ASN B 139 -14.44 9.54 -11.25
N VAL C 11 -0.69 -20.88 34.52
CA VAL C 11 -1.16 -19.68 35.20
C VAL C 11 -1.46 -18.59 34.16
N ILE C 12 -1.26 -18.92 32.89
CA ILE C 12 -1.46 -17.98 31.80
C ILE C 12 -2.63 -18.46 30.95
N LEU C 13 -3.42 -17.49 30.46
CA LEU C 13 -4.68 -17.76 29.78
C LEU C 13 -4.76 -16.92 28.50
N ILE C 14 -5.71 -17.27 27.64
CA ILE C 14 -5.90 -16.61 26.35
C ILE C 14 -7.32 -16.03 26.29
N ASP C 15 -7.43 -14.82 25.74
CA ASP C 15 -8.72 -14.23 25.38
C ASP C 15 -8.66 -13.91 23.90
N LYS C 16 -9.42 -14.65 23.08
CA LYS C 16 -9.29 -14.53 21.63
C LYS C 16 -9.74 -13.16 21.15
N ILE C 17 -10.79 -12.61 21.75
CA ILE C 17 -11.19 -11.24 21.46
C ILE C 17 -10.29 -10.30 22.24
N GLU C 18 -10.10 -9.08 21.71
CA GLU C 18 -9.10 -8.12 22.18
C GLU C 18 -7.69 -8.62 21.90
N ARG C 19 -7.53 -9.93 21.71
CA ARG C 19 -6.25 -10.57 21.45
C ARG C 19 -5.23 -10.26 22.56
N CYS C 20 -5.58 -10.70 23.77
CA CYS C 20 -4.76 -10.46 24.94
C CYS C 20 -4.66 -11.72 25.79
N LEU C 21 -3.51 -11.91 26.41
CA LEU C 21 -3.31 -12.99 27.37
C LEU C 21 -3.64 -12.50 28.78
N VAL C 22 -3.74 -13.44 29.71
CA VAL C 22 -4.06 -13.13 31.10
C VAL C 22 -3.15 -13.93 32.01
N VAL C 23 -2.46 -13.24 32.91
CA VAL C 23 -1.73 -13.88 34.01
C VAL C 23 -2.64 -13.87 35.21
N GLU C 24 -2.84 -15.04 35.83
CA GLU C 24 -3.86 -15.21 36.87
C GLU C 24 -3.23 -15.90 38.07
N TRP C 25 -2.46 -15.14 38.83
CA TRP C 25 -1.78 -15.61 40.03
C TRP C 25 -2.53 -15.11 41.27
N TYR C 26 -2.40 -15.86 42.36
CA TYR C 26 -3.18 -15.63 43.57
C TYR C 26 -2.34 -14.97 44.66
N GLU C 27 -3.02 -14.13 45.45
CA GLU C 27 -2.46 -13.54 46.66
C GLU C 27 -3.58 -13.60 47.70
N ASN C 28 -3.38 -14.41 48.74
CA ASN C 28 -4.50 -14.90 49.57
C ASN C 28 -5.43 -15.66 48.62
N ASN C 29 -6.75 -15.56 48.78
CA ASN C 29 -7.68 -16.08 47.81
C ASN C 29 -8.03 -15.06 46.72
N ILE C 30 -7.34 -13.92 46.71
CA ILE C 30 -7.62 -12.86 45.76
C ILE C 30 -6.99 -13.21 44.42
N ARG C 31 -7.79 -13.16 43.36
CA ARG C 31 -7.31 -13.44 42.01
C ARG C 31 -6.70 -12.17 41.43
N ARG C 32 -5.40 -12.21 41.13
CA ARG C 32 -4.70 -11.11 40.49
C ARG C 32 -4.57 -11.40 39.00
N GLU C 33 -4.84 -10.38 38.17
CA GLU C 33 -4.74 -10.56 36.74
C GLU C 33 -4.16 -9.32 36.07
N GLN C 34 -3.48 -9.54 34.96
CA GLN C 34 -3.00 -8.50 34.07
C GLN C 34 -3.16 -8.96 32.64
N ARG C 35 -3.73 -8.11 31.80
CA ARG C 35 -4.00 -8.43 30.41
C ARG C 35 -2.91 -7.82 29.52
N ILE C 36 -2.33 -8.65 28.66
CA ILE C 36 -1.21 -8.28 27.80
C ILE C 36 -1.69 -8.43 26.36
N SER C 37 -2.00 -7.30 25.71
CA SER C 37 -2.56 -7.31 24.36
C SER C 37 -1.46 -7.65 23.36
N TYR C 38 -1.50 -8.88 22.83
CA TYR C 38 -0.51 -9.26 21.82
C TYR C 38 -0.84 -8.73 20.43
N LYS C 39 -1.93 -7.98 20.28
CA LYS C 39 -2.12 -7.20 19.06
C LYS C 39 -1.06 -6.13 18.92
N LYS C 40 -0.53 -5.64 20.04
CA LYS C 40 0.48 -4.59 20.09
C LYS C 40 1.89 -5.15 20.15
N TYR C 41 2.14 -6.15 21.01
CA TYR C 41 3.47 -6.69 21.19
C TYR C 41 3.78 -7.83 20.24
N GLY C 42 2.79 -8.61 19.86
CA GLY C 42 3.03 -9.86 19.14
C GLY C 42 3.10 -11.04 20.10
N ASN C 43 3.01 -12.23 19.52
CA ASN C 43 2.98 -13.45 20.35
C ASN C 43 4.28 -13.59 21.14
N ASP C 44 5.42 -13.43 20.48
CA ASP C 44 6.71 -13.62 21.15
C ASP C 44 6.90 -12.60 22.27
N LYS C 45 6.79 -11.30 21.94
CA LYS C 45 7.06 -10.26 22.93
C LYS C 45 6.11 -10.34 24.12
N ALA C 46 4.84 -10.67 23.87
CA ALA C 46 3.90 -10.81 24.97
C ALA C 46 4.27 -11.98 25.86
N LYS C 47 4.67 -13.11 25.27
CA LYS C 47 5.14 -14.24 26.06
C LYS C 47 6.35 -13.85 26.90
N LEU C 48 7.28 -13.08 26.34
CA LEU C 48 8.43 -12.62 27.11
C LEU C 48 8.00 -11.74 28.27
N ARG C 49 6.99 -10.88 28.05
CA ARG C 49 6.49 -10.07 29.16
C ARG C 49 5.81 -10.92 30.22
N ALA C 50 5.28 -12.08 29.84
CA ALA C 50 4.70 -13.00 30.82
C ALA C 50 5.80 -13.68 31.64
N LYS C 51 6.83 -14.18 30.96
CA LYS C 51 7.97 -14.78 31.65
C LYS C 51 8.59 -13.78 32.62
N GLU C 52 8.80 -12.55 32.14
CA GLU C 52 9.34 -11.48 32.99
C GLU C 52 8.53 -11.33 34.27
N LEU C 53 7.20 -11.38 34.16
CA LEU C 53 6.35 -11.17 35.33
C LEU C 53 6.53 -12.29 36.34
N ILE C 54 6.59 -13.55 35.87
CA ILE C 54 6.81 -14.66 36.78
C ILE C 54 8.18 -14.53 37.46
N GLU C 55 9.20 -14.11 36.71
CA GLU C 55 10.52 -13.89 37.27
C GLU C 55 10.56 -12.79 38.31
N LYS C 56 9.48 -12.03 38.47
CA LYS C 56 9.35 -11.01 39.50
C LYS C 56 8.38 -11.41 40.61
N LEU C 57 7.30 -12.10 40.27
CA LEU C 57 6.30 -12.50 41.27
C LEU C 57 6.91 -13.43 42.31
N LYS C 58 7.60 -14.47 41.86
CA LYS C 58 8.15 -15.49 42.75
C LYS C 58 9.34 -14.99 43.57
N SER C 59 9.76 -13.74 43.38
CA SER C 59 10.85 -13.19 44.18
C SER C 59 10.39 -12.80 45.58
N GLY C 60 9.13 -12.36 45.72
CA GLY C 60 8.62 -11.90 46.98
C GLY C 60 8.01 -10.51 46.88
N ILE C 61 7.37 -10.25 45.74
CA ILE C 61 6.78 -8.95 45.43
C ILE C 61 5.27 -9.10 45.37
N THR C 62 4.57 -7.97 45.49
CA THR C 62 3.11 -7.96 45.56
C THR C 62 2.51 -7.31 44.32
N PHE C 63 1.19 -7.48 44.19
CA PHE C 63 0.46 -6.87 43.08
C PHE C 63 0.44 -5.36 43.17
N GLU C 64 0.58 -4.81 44.38
CA GLU C 64 0.60 -3.37 44.59
C GLU C 64 1.99 -2.77 44.42
N GLN C 65 3.05 -3.54 44.69
CA GLN C 65 4.40 -3.05 44.45
C GLN C 65 4.70 -2.99 42.96
N LEU C 66 4.24 -3.99 42.20
CA LEU C 66 4.47 -4.00 40.77
C LEU C 66 3.68 -2.90 40.06
N TYR C 67 2.48 -2.60 40.53
CA TYR C 67 1.64 -1.57 39.94
C TYR C 67 1.06 -0.70 41.04
N PRO C 68 1.89 0.16 41.65
CA PRO C 68 1.35 1.11 42.64
C PRO C 68 0.34 2.07 42.06
N ASP C 69 0.22 2.15 40.73
CA ASP C 69 -0.85 2.93 40.10
C ASP C 69 -2.22 2.46 40.60
N LYS C 70 -2.39 1.15 40.75
CA LYS C 70 -3.61 0.59 41.33
C LYS C 70 -3.58 0.76 42.85
N GLY C 71 -4.45 0.05 43.54
CA GLY C 71 -4.50 0.09 44.99
C GLY C 71 -4.92 1.46 45.50
N PRO C 72 -4.77 1.68 46.80
CA PRO C 72 -5.15 2.96 47.39
C PRO C 72 -4.16 4.06 47.01
N PRO C 73 -4.65 5.20 46.54
CA PRO C 73 -3.75 6.36 46.36
C PRO C 73 -3.10 6.83 47.66
N ILE C 74 -3.60 6.38 48.81
CA ILE C 74 -2.99 6.65 50.11
C ILE C 74 -2.94 5.33 50.87
N VAL C 75 -1.73 4.85 51.17
CA VAL C 75 -1.53 3.58 51.86
C VAL C 75 -0.64 3.84 53.07
N ARG C 76 -0.90 3.09 54.15
CA ARG C 76 0.04 3.05 55.26
C ARG C 76 1.28 2.26 54.84
N VAL C 77 2.20 2.05 55.78
CA VAL C 77 3.40 1.27 55.54
C VAL C 77 3.30 -0.04 56.31
N PHE C 78 3.72 -1.12 55.66
CA PHE C 78 3.90 -2.41 56.32
C PHE C 78 5.22 -2.50 57.05
N GLU C 79 5.90 -1.37 57.25
CA GLU C 79 7.25 -1.39 57.81
C GLU C 79 7.24 -1.10 59.31
N ASN C 80 6.85 0.10 59.72
CA ASN C 80 7.08 0.57 61.08
C ASN C 80 5.79 0.93 61.80
N VAL C 81 5.83 0.81 63.13
CA VAL C 81 4.88 1.41 64.05
C VAL C 81 5.70 2.11 65.13
N GLY C 82 6.46 1.31 65.89
CA GLY C 82 7.53 1.84 66.73
C GLY C 82 7.07 2.64 67.94
N VAL C 83 8.06 3.02 68.76
CA VAL C 83 7.86 3.84 69.95
C VAL C 83 7.98 5.31 69.55
N TYR C 84 7.23 6.16 70.24
CA TYR C 84 7.30 7.61 70.07
C TYR C 84 7.07 8.03 68.62
N ASN C 85 6.23 7.27 67.92
CA ASN C 85 5.96 7.55 66.51
C ASN C 85 5.16 8.83 66.33
N LEU C 88 5.71 8.03 56.64
CA LEU C 88 5.50 6.60 56.49
C LEU C 88 4.08 6.30 56.00
N ILE C 89 3.63 7.09 55.03
CA ILE C 89 2.35 6.85 54.36
C ILE C 89 2.47 7.39 52.94
N ARG C 90 2.22 6.53 51.96
CA ARG C 90 2.41 6.89 50.55
C ARG C 90 1.16 7.60 50.04
N ASP C 91 1.26 8.90 49.80
CA ASP C 91 0.22 9.68 49.14
C ASP C 91 0.65 9.82 47.68
N ARG C 92 0.18 8.89 46.85
CA ARG C 92 0.62 8.85 45.46
C ARG C 92 0.13 10.05 44.65
N ILE C 93 -0.93 10.72 45.10
CA ILE C 93 -1.42 11.92 44.44
C ILE C 93 -0.39 13.03 44.61
N GLU C 94 -0.18 13.46 45.86
CA GLU C 94 0.75 14.55 46.18
C GLU C 94 2.20 14.18 45.90
N ARG C 95 2.49 12.93 45.55
CA ARG C 95 3.85 12.46 45.32
C ARG C 95 4.72 12.71 46.56
N GLU C 96 4.18 12.38 47.73
CA GLU C 96 4.88 12.61 48.99
C GLU C 96 4.65 11.44 49.94
N TRP C 97 5.69 11.10 50.69
CA TRP C 97 5.57 10.18 51.81
C TRP C 97 5.36 10.97 53.09
N ARG C 98 4.48 10.46 53.96
CA ARG C 98 4.21 11.11 55.24
C ARG C 98 5.43 11.08 56.14
N ARG C 111 6.93 17.17 55.53
CA ARG C 111 6.84 15.86 54.89
C ARG C 111 7.87 15.73 53.78
N TRP C 112 7.90 14.56 53.13
CA TRP C 112 8.91 14.24 52.12
C TRP C 112 8.23 14.04 50.77
N SER C 113 8.34 15.04 49.89
CA SER C 113 7.84 14.91 48.53
C SER C 113 8.85 14.10 47.72
N LYS C 115 8.69 14.14 44.61
CA LYS C 115 8.58 14.88 43.35
C LYS C 115 9.94 15.36 42.83
N LYS C 116 10.89 15.53 43.74
CA LYS C 116 12.18 16.11 43.39
C LYS C 116 13.36 15.24 43.80
N VAL C 117 13.33 14.66 45.00
CA VAL C 117 14.49 13.95 45.53
C VAL C 117 14.70 12.58 44.91
N GLY C 118 13.80 12.13 44.03
CA GLY C 118 13.84 10.77 43.54
C GLY C 118 12.76 9.94 44.21
N ASN C 119 11.82 9.43 43.41
CA ASN C 119 10.60 8.83 43.94
C ASN C 119 10.85 7.60 44.81
N ASP C 120 12.08 7.08 44.83
CA ASP C 120 12.45 6.06 45.79
C ASP C 120 13.29 6.58 46.94
N GLU C 121 13.97 7.72 46.75
CA GLU C 121 14.79 8.29 47.81
C GLU C 121 13.94 8.86 48.94
N ALA C 122 12.71 9.29 48.64
CA ALA C 122 11.80 9.70 49.69
C ALA C 122 11.45 8.54 50.60
N GLN C 123 11.59 7.30 50.11
CA GLN C 123 11.49 6.12 50.99
C GLN C 123 12.76 5.93 51.81
N LYS C 124 13.92 6.32 51.26
CA LYS C 124 15.16 6.27 52.03
C LYS C 124 15.09 7.20 53.23
N ARG C 125 14.58 8.42 53.04
CA ARG C 125 14.35 9.33 54.15
C ARG C 125 13.23 8.82 55.04
N ALA C 126 12.20 8.25 54.42
CA ALA C 126 11.06 7.62 55.11
C ALA C 126 10.48 8.61 56.12
N ASP C 127 9.94 8.09 57.22
CA ASP C 127 9.67 8.89 58.39
C ASP C 127 10.73 8.66 59.47
N THR C 128 11.74 7.86 59.18
CA THR C 128 12.87 7.62 60.07
C THR C 128 14.07 7.13 59.28
#